data_4V1H
#
_entry.id   4V1H
#
_cell.length_a   74.690
_cell.length_b   74.690
_cell.length_c   166.330
_cell.angle_alpha   90.00
_cell.angle_beta   90.00
_cell.angle_gamma   120.00
#
_symmetry.space_group_name_H-M   'H 3'
#
loop_
_entity.id
_entity.type
_entity.pdbx_description
1 polymer 'F0F1 ATP SYNTHASE SUBUNIT C'
2 non-polymer IODO-BEDAQUILINE
3 non-polymer TRIS(HYDROXYETHYL)AMINOMETHANE
4 water water
#
_entity_poly.entity_id   1
_entity_poly.type   'polypeptide(L)'
_entity_poly.pdbx_seq_one_letter_code
;MELDPNALITAGALIGGGLIMGGGAIGAGIGDGIAGNALISGIARQPEAQGRLFTPFFITVGLVEAAYFINLAFMALFVF
ATPGLQ
;
_entity_poly.pdbx_strand_id   A,B,C
#
loop_
_chem_comp.id
_chem_comp.type
_chem_comp.name
_chem_comp.formula
IBQ non-polymer IODO-BEDAQUILINE 'C32 H31 I N2 O2'
TAM non-polymer TRIS(HYDROXYETHYL)AMINOMETHANE 'C7 H17 N O3'
#
# COMPACT_ATOMS: atom_id res chain seq x y z
N GLU A 2 31.05 17.60 16.51
CA GLU A 2 29.61 17.89 16.56
C GLU A 2 28.88 17.25 15.39
N LEU A 3 27.57 17.45 15.33
CA LEU A 3 26.74 16.91 14.27
C LEU A 3 27.21 17.37 12.90
N ASP A 4 26.84 16.64 11.87
CA ASP A 4 26.98 17.17 10.50
C ASP A 4 25.67 16.85 9.74
N PRO A 5 25.46 17.45 8.56
CA PRO A 5 24.16 17.23 7.92
C PRO A 5 23.87 15.74 7.67
N ASN A 6 24.88 14.95 7.28
CA ASN A 6 24.58 13.57 6.94
C ASN A 6 24.19 12.71 8.13
N ALA A 7 24.52 13.16 9.33
CA ALA A 7 24.09 12.41 10.52
C ALA A 7 22.54 12.44 10.62
N LEU A 8 21.97 13.60 10.33
CA LEU A 8 20.56 13.80 10.44
C LEU A 8 19.88 13.10 9.25
N ILE A 9 20.46 13.27 8.06
CA ILE A 9 19.86 12.63 6.87
C ILE A 9 19.87 11.07 6.95
N THR A 10 20.98 10.50 7.39
CA THR A 10 21.14 9.04 7.56
C THR A 10 20.18 8.55 8.66
N ALA A 11 20.05 9.31 9.74
CA ALA A 11 19.04 8.96 10.76
C ALA A 11 17.61 8.91 10.17
N GLY A 12 17.19 9.93 9.41
CA GLY A 12 15.91 9.90 8.70
C GLY A 12 15.81 8.70 7.76
N ALA A 13 16.92 8.39 7.07
CA ALA A 13 16.97 7.28 6.14
C ALA A 13 16.75 5.98 6.89
N LEU A 14 17.40 5.78 8.06
CA LEU A 14 17.20 4.50 8.79
C LEU A 14 15.74 4.38 9.34
N ILE A 15 15.21 5.53 9.77
CA ILE A 15 13.85 5.52 10.26
C ILE A 15 12.89 5.26 9.08
N GLY A 16 13.10 5.91 7.94
CA GLY A 16 12.23 5.66 6.79
C GLY A 16 12.32 4.22 6.24
N GLY A 17 13.53 3.68 6.15
CA GLY A 17 13.81 2.31 5.78
C GLY A 17 13.11 1.34 6.75
N GLY A 18 13.18 1.63 8.06
CA GLY A 18 12.48 0.88 9.05
C GLY A 18 10.96 0.85 8.84
N LEU A 19 10.36 2.03 8.55
CA LEU A 19 8.92 2.09 8.25
C LEU A 19 8.57 1.27 7.04
N ILE A 20 9.39 1.43 5.99
CA ILE A 20 9.20 0.67 4.79
C ILE A 20 9.22 -0.88 5.04
N MET A 21 10.21 -1.39 5.81
CA MET A 21 10.24 -2.86 6.05
C MET A 21 9.22 -3.32 7.08
N GLY A 22 8.95 -2.47 8.04
CA GLY A 22 7.97 -2.76 9.07
C GLY A 22 6.61 -2.95 8.38
N GLY A 23 6.23 -1.99 7.54
CA GLY A 23 4.98 -1.99 6.80
C GLY A 23 4.95 -3.18 5.84
N GLY A 24 6.06 -3.44 5.17
CA GLY A 24 6.13 -4.55 4.24
C GLY A 24 5.88 -5.85 4.95
N ALA A 25 6.47 -6.07 6.12
CA ALA A 25 6.22 -7.41 6.75
C ALA A 25 4.82 -7.52 7.37
N ILE A 26 4.19 -6.39 7.70
CA ILE A 26 2.83 -6.44 8.19
C ILE A 26 1.86 -6.86 7.04
N GLY A 27 2.05 -6.28 5.89
CA GLY A 27 1.27 -6.62 4.70
C GLY A 27 1.56 -8.03 4.27
N ALA A 28 2.84 -8.42 4.29
CA ALA A 28 3.18 -9.77 3.86
C ALA A 28 2.73 -10.91 4.79
N GLY A 29 3.01 -10.76 6.10
CA GLY A 29 2.62 -11.76 7.08
C GLY A 29 1.12 -11.99 7.03
N ILE A 30 0.42 -10.88 7.11
CA ILE A 30 -1.02 -10.98 7.20
C ILE A 30 -1.61 -11.33 5.82
N GLY A 31 -1.07 -10.75 4.75
CA GLY A 31 -1.67 -11.08 3.44
C GLY A 31 -1.51 -12.59 3.14
N ASP A 32 -0.34 -13.14 3.45
CA ASP A 32 -0.09 -14.56 3.13
C ASP A 32 -0.88 -15.51 4.05
N GLY A 33 -0.98 -15.11 5.32
CA GLY A 33 -1.81 -15.81 6.29
C GLY A 33 -3.22 -15.90 5.77
N ILE A 34 -3.76 -14.79 5.29
CA ILE A 34 -5.13 -14.77 4.80
C ILE A 34 -5.31 -15.62 3.52
N ALA A 35 -4.34 -15.54 2.61
CA ALA A 35 -4.35 -16.38 1.42
C ALA A 35 -4.28 -17.87 1.82
N GLY A 36 -3.35 -18.24 2.72
CA GLY A 36 -3.18 -19.63 3.17
C GLY A 36 -4.39 -20.18 3.92
N ASN A 37 -5.09 -19.32 4.67
CA ASN A 37 -6.35 -19.68 5.34
C ASN A 37 -7.37 -20.23 4.34
N ALA A 38 -7.53 -19.54 3.22
CA ALA A 38 -8.40 -20.01 2.13
C ALA A 38 -7.90 -21.32 1.53
N LEU A 39 -6.59 -21.38 1.28
CA LEU A 39 -6.01 -22.63 0.73
C LEU A 39 -6.29 -23.82 1.65
N ILE A 40 -5.96 -23.66 2.93
CA ILE A 40 -6.20 -24.74 3.90
C ILE A 40 -7.67 -25.18 3.97
N SER A 41 -8.57 -24.20 4.08
CA SER A 41 -10.03 -24.49 4.10
C SER A 41 -10.55 -25.15 2.82
N GLY A 42 -10.05 -24.69 1.69
CA GLY A 42 -10.53 -25.21 0.43
C GLY A 42 -10.02 -26.63 0.29
N ILE A 43 -8.76 -26.88 0.68
CA ILE A 43 -8.27 -28.29 0.62
C ILE A 43 -9.05 -29.19 1.59
N ALA A 44 -9.41 -28.66 2.75
CA ALA A 44 -10.22 -29.40 3.71
C ALA A 44 -11.59 -29.71 3.15
N ARG A 45 -12.15 -28.75 2.40
CA ARG A 45 -13.49 -28.93 1.83
C ARG A 45 -13.51 -29.78 0.54
N GLN A 46 -12.55 -29.56 -0.35
CA GLN A 46 -12.48 -30.26 -1.64
C GLN A 46 -11.12 -30.90 -1.94
N PRO A 47 -10.74 -31.93 -1.19
CA PRO A 47 -9.43 -32.57 -1.40
C PRO A 47 -9.08 -32.96 -2.87
N GLU A 48 -10.06 -33.42 -3.63
CA GLU A 48 -9.79 -33.85 -5.01
C GLU A 48 -9.33 -32.72 -5.94
N ALA A 49 -10.21 -31.73 -6.13
CA ALA A 49 -9.98 -30.65 -7.10
C ALA A 49 -9.16 -29.48 -6.53
N GLN A 50 -8.18 -29.78 -5.67
CA GLN A 50 -7.41 -28.78 -4.97
C GLN A 50 -6.28 -28.20 -5.83
N GLY A 51 -5.82 -28.98 -6.82
CA GLY A 51 -4.74 -28.55 -7.68
C GLY A 51 -5.16 -27.25 -8.34
N ARG A 52 -6.44 -27.10 -8.61
CA ARG A 52 -6.93 -25.84 -9.15
C ARG A 52 -6.81 -24.68 -8.15
N LEU A 53 -6.43 -24.97 -6.90
CA LEU A 53 -6.38 -23.94 -5.86
C LEU A 53 -4.96 -23.38 -5.67
N PHE A 54 -3.94 -24.20 -5.96
CA PHE A 54 -2.58 -23.74 -5.71
C PHE A 54 -2.24 -22.64 -6.72
N THR A 55 -2.96 -22.64 -7.83
CA THR A 55 -2.65 -21.67 -8.86
C THR A 55 -3.19 -20.24 -8.47
N PRO A 56 -4.48 -20.11 -8.05
CA PRO A 56 -4.86 -18.80 -7.49
C PRO A 56 -4.09 -18.43 -6.23
N PHE A 57 -3.67 -19.42 -5.45
CA PHE A 57 -2.89 -19.16 -4.23
C PHE A 57 -1.52 -18.52 -4.55
N PHE A 58 -0.78 -19.11 -5.49
CA PHE A 58 0.52 -18.60 -5.86
C PHE A 58 0.44 -17.22 -6.54
N ILE A 59 -0.60 -17.00 -7.32
CA ILE A 59 -0.88 -15.65 -7.83
C ILE A 59 -1.05 -14.64 -6.69
N THR A 60 -1.89 -14.97 -5.70
CA THR A 60 -2.11 -14.07 -4.57
C THR A 60 -0.79 -13.80 -3.80
N VAL A 61 -0.09 -14.89 -3.55
CA VAL A 61 1.15 -14.84 -2.78
C VAL A 61 2.18 -14.04 -3.59
N GLY A 62 2.12 -14.20 -4.90
CA GLY A 62 3.01 -13.50 -5.81
C GLY A 62 2.78 -12.01 -5.69
N LEU A 63 1.51 -11.61 -5.67
CA LEU A 63 1.20 -10.19 -5.50
C LEU A 63 1.65 -9.66 -4.11
N VAL A 64 1.33 -10.42 -3.07
CA VAL A 64 1.66 -10.03 -1.70
C VAL A 64 3.20 -9.90 -1.57
N GLU A 65 3.94 -10.87 -2.13
CA GLU A 65 5.40 -10.87 -1.99
C GLU A 65 6.04 -9.78 -2.85
N ALA A 66 5.39 -9.40 -3.95
CA ALA A 66 5.99 -8.35 -4.76
C ALA A 66 5.96 -7.07 -3.93
N ALA A 67 4.89 -6.84 -3.17
CA ALA A 67 4.84 -5.63 -2.34
C ALA A 67 5.98 -5.68 -1.31
N TYR A 68 6.20 -6.84 -0.72
CA TYR A 68 7.23 -6.97 0.32
C TYR A 68 8.63 -6.65 -0.31
N PHE A 69 8.88 -7.24 -1.45
CA PHE A 69 10.19 -7.11 -2.06
C PHE A 69 10.46 -5.80 -2.82
N ILE A 70 9.43 -5.15 -3.34
CA ILE A 70 9.59 -3.78 -3.85
C ILE A 70 9.92 -2.85 -2.67
N ASN A 71 9.18 -3.04 -1.59
CA ASN A 71 9.52 -2.27 -0.37
C ASN A 71 10.95 -2.53 0.06
N LEU A 72 11.37 -3.79 0.08
CA LEU A 72 12.73 -4.11 0.46
C LEU A 72 13.74 -3.36 -0.46
N ALA A 73 13.41 -3.32 -1.75
CA ALA A 73 14.28 -2.66 -2.72
C ALA A 73 14.39 -1.18 -2.38
N PHE A 74 13.28 -0.57 -1.96
CA PHE A 74 13.37 0.87 -1.62
C PHE A 74 13.99 1.10 -0.25
N MET A 75 13.80 0.19 0.70
CA MET A 75 14.57 0.28 1.96
C MET A 75 16.11 0.34 1.63
N ALA A 76 16.58 -0.58 0.79
CA ALA A 76 18.00 -0.65 0.39
C ALA A 76 18.50 0.65 -0.22
N LEU A 77 17.70 1.18 -1.15
CA LEU A 77 17.98 2.51 -1.69
C LEU A 77 18.09 3.61 -0.59
N PHE A 78 17.17 3.63 0.35
CA PHE A 78 17.19 4.63 1.43
C PHE A 78 18.45 4.47 2.22
N VAL A 79 18.85 3.22 2.50
CA VAL A 79 19.91 3.14 3.52
C VAL A 79 21.30 2.92 2.88
N PHE A 80 21.35 2.44 1.65
CA PHE A 80 22.62 2.29 0.93
C PHE A 80 22.93 3.32 -0.18
N ALA A 81 21.91 4.02 -0.69
CA ALA A 81 22.13 5.03 -1.75
C ALA A 81 21.24 6.22 -1.45
N THR A 82 21.41 6.78 -0.26
CA THR A 82 20.41 7.69 0.29
C THR A 82 20.16 8.91 -0.60
N PRO A 83 18.93 9.07 -1.06
CA PRO A 83 18.59 10.22 -1.90
C PRO A 83 18.67 11.50 -1.06
N GLY A 84 19.37 12.51 -1.55
CA GLY A 84 19.52 13.79 -0.88
C GLY A 84 20.71 13.76 0.09
N LEU A 85 21.45 12.65 0.17
CA LEU A 85 22.65 12.65 1.03
C LEU A 85 23.61 13.77 0.59
N GLN A 86 24.34 14.39 1.51
CA GLN A 86 25.16 15.53 1.11
C GLN A 86 26.64 15.20 1.03
N GLU B 2 28.29 21.15 10.89
CA GLU B 2 27.06 21.76 11.39
C GLU B 2 25.89 21.53 10.42
N LEU B 3 24.67 21.50 10.95
CA LEU B 3 23.48 21.24 10.15
C LEU B 3 23.26 22.32 9.07
N ASP B 4 22.26 22.10 8.22
CA ASP B 4 21.83 23.11 7.26
C ASP B 4 20.35 22.79 7.02
N PRO B 5 19.60 23.74 6.46
CA PRO B 5 18.15 23.47 6.39
C PRO B 5 17.82 22.20 5.59
N ASN B 6 18.55 21.91 4.50
CA ASN B 6 18.19 20.72 3.68
C ASN B 6 18.42 19.38 4.40
N ALA B 7 19.28 19.36 5.41
CA ALA B 7 19.49 18.16 6.18
C ALA B 7 18.20 17.83 6.93
N LEU B 8 17.52 18.87 7.40
CA LEU B 8 16.30 18.64 8.16
C LEU B 8 15.11 18.30 7.22
N ILE B 9 15.04 19.05 6.13
CA ILE B 9 14.04 18.84 5.09
C ILE B 9 14.17 17.40 4.49
N THR B 10 15.36 17.05 4.05
CA THR B 10 15.59 15.67 3.57
C THR B 10 15.31 14.56 4.61
N ALA B 11 15.72 14.75 5.87
CA ALA B 11 15.33 13.80 6.90
C ALA B 11 13.79 13.63 7.00
N GLY B 12 13.06 14.75 6.98
CA GLY B 12 11.61 14.71 6.99
C GLY B 12 11.09 13.96 5.76
N ALA B 13 11.71 14.25 4.65
CA ALA B 13 11.30 13.66 3.38
C ALA B 13 11.43 12.12 3.38
N LEU B 14 12.54 11.64 3.96
CA LEU B 14 12.77 10.18 3.98
C LEU B 14 11.81 9.48 4.95
N ILE B 15 11.58 10.09 6.09
CA ILE B 15 10.56 9.56 6.99
C ILE B 15 9.17 9.58 6.34
N GLY B 16 8.79 10.76 5.85
CA GLY B 16 7.56 10.93 5.05
C GLY B 16 7.42 9.86 3.94
N GLY B 17 8.48 9.69 3.13
CA GLY B 17 8.50 8.65 2.10
C GLY B 17 8.36 7.25 2.68
N GLY B 18 8.98 6.99 3.86
CA GLY B 18 8.90 5.67 4.45
C GLY B 18 7.45 5.41 4.89
N LEU B 19 6.79 6.44 5.40
CA LEU B 19 5.39 6.29 5.87
C LEU B 19 4.44 5.96 4.70
N ILE B 20 4.73 6.58 3.59
CA ILE B 20 3.90 6.42 2.38
C ILE B 20 4.03 4.94 1.89
N MET B 21 5.26 4.44 1.77
CA MET B 21 5.43 3.04 1.28
C MET B 21 5.12 1.97 2.31
N GLY B 22 5.44 2.22 3.59
CA GLY B 22 5.05 1.30 4.63
C GLY B 22 3.53 1.13 4.60
N GLY B 23 2.79 2.25 4.55
CA GLY B 23 1.34 2.12 4.53
C GLY B 23 0.82 1.56 3.22
N GLY B 24 1.55 1.85 2.14
CA GLY B 24 1.17 1.30 0.87
C GLY B 24 1.27 -0.22 0.87
N ALA B 25 2.31 -0.75 1.51
CA ALA B 25 2.53 -2.23 1.50
C ALA B 25 1.53 -2.93 2.44
N ILE B 26 1.17 -2.26 3.52
CA ILE B 26 0.12 -2.79 4.40
C ILE B 26 -1.21 -2.83 3.64
N GLY B 27 -1.61 -1.72 3.05
CA GLY B 27 -2.83 -1.75 2.22
C GLY B 27 -2.80 -2.83 1.13
N ALA B 28 -1.68 -2.94 0.39
CA ALA B 28 -1.65 -3.82 -0.78
C ALA B 28 -1.51 -5.30 -0.42
N GLY B 29 -0.63 -5.58 0.56
CA GLY B 29 -0.48 -6.97 0.99
C GLY B 29 -1.76 -7.56 1.59
N ILE B 30 -2.40 -6.81 2.48
CA ILE B 30 -3.60 -7.35 3.11
C ILE B 30 -4.76 -7.29 2.13
N GLY B 31 -4.91 -6.16 1.43
CA GLY B 31 -5.92 -6.14 0.36
C GLY B 31 -5.93 -7.25 -0.67
N ASP B 32 -4.75 -7.52 -1.24
CA ASP B 32 -4.57 -8.59 -2.23
C ASP B 32 -4.81 -9.95 -1.61
N GLY B 33 -4.29 -10.12 -0.37
CA GLY B 33 -4.54 -11.42 0.26
C GLY B 33 -6.03 -11.66 0.47
N ILE B 34 -6.75 -10.59 0.88
CA ILE B 34 -8.20 -10.74 1.10
C ILE B 34 -8.93 -10.99 -0.24
N ALA B 35 -8.52 -10.27 -1.31
CA ALA B 35 -9.09 -10.58 -2.64
C ALA B 35 -8.78 -12.04 -3.05
N GLY B 36 -7.54 -12.48 -2.88
CA GLY B 36 -7.15 -13.86 -3.24
C GLY B 36 -7.88 -14.95 -2.46
N ASN B 37 -8.11 -14.65 -1.20
CA ASN B 37 -8.90 -15.49 -0.33
C ASN B 37 -10.26 -15.82 -0.90
N ALA B 38 -10.97 -14.78 -1.36
CA ALA B 38 -12.31 -15.00 -1.96
C ALA B 38 -12.15 -15.75 -3.27
N LEU B 39 -11.11 -15.44 -4.03
CA LEU B 39 -10.89 -16.19 -5.28
C LEU B 39 -10.69 -17.70 -5.03
N ILE B 40 -9.85 -17.98 -4.04
CA ILE B 40 -9.48 -19.37 -3.76
C ILE B 40 -10.71 -20.11 -3.25
N SER B 41 -11.47 -19.43 -2.38
CA SER B 41 -12.69 -20.01 -1.83
C SER B 41 -13.74 -20.25 -2.89
N GLY B 42 -13.96 -19.25 -3.76
CA GLY B 42 -15.00 -19.38 -4.76
C GLY B 42 -14.69 -20.51 -5.75
N ILE B 43 -13.42 -20.69 -6.05
CA ILE B 43 -13.04 -21.77 -6.95
C ILE B 43 -13.27 -23.11 -6.25
N ALA B 44 -12.89 -23.18 -4.98
CA ALA B 44 -13.06 -24.37 -4.17
C ALA B 44 -14.52 -24.79 -4.08
N ARG B 45 -15.42 -23.81 -4.03
CA ARG B 45 -16.84 -24.13 -3.90
C ARG B 45 -17.45 -24.49 -5.26
N GLN B 46 -17.10 -23.72 -6.28
CA GLN B 46 -17.60 -23.96 -7.63
C GLN B 46 -16.46 -23.95 -8.65
N PRO B 47 -15.73 -25.06 -8.78
CA PRO B 47 -14.50 -25.07 -9.60
C PRO B 47 -14.68 -24.73 -11.07
N GLU B 48 -15.92 -24.57 -11.54
CA GLU B 48 -16.17 -24.11 -12.90
C GLU B 48 -16.51 -22.62 -12.92
N ALA B 49 -16.71 -22.04 -11.73
CA ALA B 49 -16.91 -20.60 -11.57
C ALA B 49 -15.66 -19.84 -11.95
N GLN B 50 -14.57 -20.59 -12.07
CA GLN B 50 -13.23 -20.06 -12.28
C GLN B 50 -13.16 -18.94 -13.32
N GLY B 51 -13.69 -19.20 -14.52
CA GLY B 51 -13.75 -18.19 -15.56
C GLY B 51 -14.40 -16.87 -15.15
N ARG B 52 -15.56 -16.91 -14.52
CA ARG B 52 -16.23 -15.67 -14.19
C ARG B 52 -15.68 -15.01 -12.92
N LEU B 53 -14.75 -15.66 -12.23
CA LEU B 53 -14.23 -15.04 -10.99
C LEU B 53 -13.03 -14.16 -11.31
N PHE B 54 -12.44 -14.31 -12.48
CA PHE B 54 -11.14 -13.68 -12.65
C PHE B 54 -11.28 -12.20 -12.99
N THR B 55 -12.39 -11.81 -13.58
CA THR B 55 -12.69 -10.39 -13.81
C THR B 55 -12.95 -9.62 -12.50
N PRO B 56 -13.89 -10.10 -11.65
CA PRO B 56 -14.00 -9.39 -10.37
C PRO B 56 -12.69 -9.41 -9.55
N PHE B 57 -11.93 -10.50 -9.63
CA PHE B 57 -10.67 -10.55 -8.91
C PHE B 57 -9.68 -9.47 -9.40
N PHE B 58 -9.56 -9.33 -10.72
CA PHE B 58 -8.58 -8.41 -11.28
C PHE B 58 -9.03 -6.95 -11.13
N ILE B 59 -10.34 -6.69 -11.18
CA ILE B 59 -10.84 -5.36 -10.81
C ILE B 59 -10.45 -5.01 -9.36
N THR B 60 -10.68 -5.93 -8.42
CA THR B 60 -10.31 -5.67 -7.00
C THR B 60 -8.80 -5.40 -6.85
N VAL B 61 -8.01 -6.25 -7.46
CA VAL B 61 -6.55 -6.15 -7.34
C VAL B 61 -6.09 -4.87 -8.01
N GLY B 62 -6.67 -4.56 -9.17
CA GLY B 62 -6.36 -3.32 -9.84
C GLY B 62 -6.60 -2.12 -8.93
N LEU B 63 -7.72 -2.13 -8.19
CA LEU B 63 -8.01 -1.02 -7.28
C LEU B 63 -6.98 -0.98 -6.16
N VAL B 64 -6.68 -2.15 -5.61
CA VAL B 64 -5.75 -2.26 -4.50
C VAL B 64 -4.37 -1.77 -4.94
N GLU B 65 -3.94 -2.24 -6.11
CA GLU B 65 -2.61 -1.93 -6.64
C GLU B 65 -2.49 -0.46 -7.09
N ALA B 66 -3.60 0.16 -7.48
CA ALA B 66 -3.54 1.57 -7.82
C ALA B 66 -3.15 2.39 -6.58
N ALA B 67 -3.62 2.00 -5.39
CA ALA B 67 -3.25 2.72 -4.19
C ALA B 67 -1.75 2.55 -3.90
N TYR B 68 -1.24 1.36 -4.14
CA TYR B 68 0.17 1.06 -3.88
C TYR B 68 1.03 1.93 -4.82
N PHE B 69 0.64 1.89 -6.10
CA PHE B 69 1.39 2.61 -7.14
C PHE B 69 1.33 4.13 -7.06
N ILE B 70 0.14 4.66 -6.75
CA ILE B 70 0.04 6.11 -6.53
C ILE B 70 0.88 6.50 -5.30
N ASN B 71 0.85 5.69 -4.23
CA ASN B 71 1.71 5.94 -3.04
C ASN B 71 3.20 5.95 -3.44
N LEU B 72 3.56 4.97 -4.25
CA LEU B 72 4.93 4.83 -4.69
C LEU B 72 5.42 6.09 -5.45
N ALA B 73 4.55 6.59 -6.33
CA ALA B 73 4.86 7.79 -7.08
C ALA B 73 5.08 8.98 -6.17
N PHE B 74 4.25 9.14 -5.12
CA PHE B 74 4.48 10.28 -4.21
C PHE B 74 5.69 10.07 -3.29
N MET B 75 6.01 8.82 -2.97
CA MET B 75 7.22 8.58 -2.20
C MET B 75 8.39 8.98 -3.10
N ALA B 76 8.30 8.70 -4.40
CA ALA B 76 9.38 9.10 -5.33
C ALA B 76 9.53 10.62 -5.40
N LEU B 77 8.41 11.34 -5.49
CA LEU B 77 8.41 12.80 -5.39
C LEU B 77 9.05 13.32 -4.06
N PHE B 78 8.61 12.75 -2.95
CA PHE B 78 9.14 13.14 -1.64
C PHE B 78 10.68 13.03 -1.57
N VAL B 79 11.28 11.93 -2.05
CA VAL B 79 12.69 11.77 -1.76
C VAL B 79 13.60 12.10 -2.93
N PHE B 80 13.06 12.14 -4.15
CA PHE B 80 13.89 12.49 -5.29
C PHE B 80 13.65 13.93 -5.79
N ALA B 81 12.55 14.57 -5.42
CA ALA B 81 12.25 15.94 -5.88
C ALA B 81 11.53 16.67 -4.77
N THR B 82 12.15 16.66 -3.60
CA THR B 82 11.45 17.05 -2.39
C THR B 82 10.78 18.43 -2.49
N PRO B 83 9.46 18.44 -2.33
CA PRO B 83 8.83 19.76 -2.36
C PRO B 83 9.26 20.56 -1.11
N GLY B 84 9.60 21.83 -1.32
CA GLY B 84 10.02 22.70 -0.24
C GLY B 84 11.50 22.65 0.04
N LEU B 85 12.24 21.88 -0.75
CA LEU B 85 13.69 21.84 -0.62
C LEU B 85 14.26 23.27 -0.79
N GLN B 86 15.25 23.62 0.05
CA GLN B 86 15.87 24.94 0.05
C GLN B 86 17.20 24.88 -0.67
N GLU C 2 22.93 27.13 8.59
CA GLU C 2 22.14 27.38 9.81
C GLU C 2 20.64 27.18 9.59
N LEU C 3 19.99 26.42 10.47
CA LEU C 3 18.55 26.15 10.32
C LEU C 3 17.76 27.44 10.17
N ASP C 4 16.61 27.36 9.52
CA ASP C 4 15.66 28.45 9.47
C ASP C 4 14.27 27.83 9.79
N PRO C 5 13.27 28.67 10.13
CA PRO C 5 11.93 28.21 10.52
C PRO C 5 11.31 27.31 9.44
N ASN C 6 11.39 27.70 8.17
CA ASN C 6 10.72 26.85 7.16
C ASN C 6 11.33 25.48 6.99
N ALA C 7 12.60 25.30 7.36
CA ALA C 7 13.17 23.94 7.31
C ALA C 7 12.46 22.97 8.27
N LEU C 8 12.15 23.46 9.44
CA LEU C 8 11.49 22.68 10.44
C LEU C 8 10.02 22.48 10.03
N ILE C 9 9.40 23.54 9.54
CA ILE C 9 8.01 23.48 9.20
C ILE C 9 7.81 22.52 8.01
N THR C 10 8.71 22.63 7.01
CA THR C 10 8.65 21.77 5.86
C THR C 10 8.92 20.31 6.26
N ALA C 11 9.86 20.06 7.19
CA ALA C 11 10.06 18.67 7.61
C ALA C 11 8.77 18.13 8.27
N GLY C 12 8.10 18.94 9.08
CA GLY C 12 6.85 18.49 9.69
C GLY C 12 5.78 18.21 8.61
N ALA C 13 5.74 19.06 7.58
CA ALA C 13 4.77 18.98 6.50
C ALA C 13 4.90 17.65 5.75
N LEU C 14 6.15 17.26 5.54
CA LEU C 14 6.46 16.05 4.76
C LEU C 14 6.10 14.82 5.61
N ILE C 15 6.41 14.84 6.91
CA ILE C 15 6.00 13.72 7.79
C ILE C 15 4.44 13.65 7.89
N GLY C 16 3.79 14.80 8.10
CA GLY C 16 2.33 14.81 8.12
C GLY C 16 1.75 14.34 6.79
N GLY C 17 2.35 14.79 5.67
CA GLY C 17 1.81 14.41 4.37
C GLY C 17 1.98 12.89 4.21
N GLY C 18 3.09 12.32 4.71
CA GLY C 18 3.29 10.87 4.65
C GLY C 18 2.34 10.03 5.50
N LEU C 19 2.02 10.52 6.69
CA LEU C 19 0.95 9.97 7.53
C LEU C 19 -0.37 9.95 6.81
N ILE C 20 -0.75 11.11 6.27
CA ILE C 20 -1.98 11.23 5.52
C ILE C 20 -2.07 10.19 4.39
N MET C 21 -1.06 10.13 3.53
CA MET C 21 -1.13 9.15 2.41
C MET C 21 -0.90 7.71 2.83
N GLY C 22 -0.05 7.52 3.83
CA GLY C 22 0.19 6.19 4.32
C GLY C 22 -1.12 5.66 4.95
N GLY C 23 -1.83 6.45 5.76
CA GLY C 23 -3.13 5.97 6.27
C GLY C 23 -4.17 5.81 5.15
N GLY C 24 -4.17 6.70 4.14
CA GLY C 24 -5.10 6.58 3.01
C GLY C 24 -4.94 5.24 2.27
N ALA C 25 -3.70 4.84 2.02
CA ALA C 25 -3.47 3.58 1.29
C ALA C 25 -3.86 2.34 2.10
N ILE C 26 -3.69 2.38 3.43
CA ILE C 26 -4.12 1.28 4.31
C ILE C 26 -5.62 1.15 4.22
N GLY C 27 -6.29 2.29 4.36
CA GLY C 27 -7.72 2.23 4.28
C GLY C 27 -8.20 1.81 2.90
N ALA C 28 -7.57 2.33 1.82
CA ALA C 28 -8.09 2.10 0.47
C ALA C 28 -7.85 0.65 0.09
N GLY C 29 -6.64 0.14 0.35
CA GLY C 29 -6.32 -1.21 -0.11
C GLY C 29 -7.09 -2.26 0.66
N ILE C 30 -7.14 -2.10 1.99
CA ILE C 30 -7.87 -3.05 2.76
C ILE C 30 -9.39 -2.90 2.52
N GLY C 31 -9.89 -1.65 2.46
CA GLY C 31 -11.31 -1.47 2.20
C GLY C 31 -11.81 -2.04 0.88
N ASP C 32 -11.01 -1.80 -0.15
CA ASP C 32 -11.33 -2.29 -1.47
C ASP C 32 -11.17 -3.81 -1.52
N GLY C 33 -10.14 -4.35 -0.84
CA GLY C 33 -10.06 -5.83 -0.82
C GLY C 33 -11.28 -6.50 -0.17
N ILE C 34 -11.75 -5.90 0.90
CA ILE C 34 -12.89 -6.42 1.66
C ILE C 34 -14.17 -6.36 0.82
N ALA C 35 -14.35 -5.26 0.13
CA ALA C 35 -15.52 -5.13 -0.76
C ALA C 35 -15.46 -6.14 -1.89
N GLY C 36 -14.26 -6.25 -2.48
CA GLY C 36 -13.99 -7.17 -3.55
C GLY C 36 -14.16 -8.60 -3.14
N ASN C 37 -13.87 -8.91 -1.87
CA ASN C 37 -14.08 -10.27 -1.37
C ASN C 37 -15.58 -10.71 -1.41
N ALA C 38 -16.47 -9.79 -1.05
CA ALA C 38 -17.92 -10.06 -1.16
C ALA C 38 -18.40 -10.16 -2.62
N LEU C 39 -17.85 -9.30 -3.46
CA LEU C 39 -18.20 -9.35 -4.89
C LEU C 39 -17.86 -10.73 -5.52
N ILE C 40 -16.61 -11.14 -5.30
CA ILE C 40 -16.09 -12.41 -5.83
C ILE C 40 -16.87 -13.58 -5.26
N SER C 41 -17.09 -13.58 -3.94
CA SER C 41 -17.84 -14.68 -3.31
C SER C 41 -19.27 -14.77 -3.84
N GLY C 42 -19.90 -13.59 -4.02
CA GLY C 42 -21.28 -13.52 -4.41
C GLY C 42 -21.43 -14.05 -5.83
N ILE C 43 -20.45 -13.72 -6.66
CA ILE C 43 -20.47 -14.15 -8.07
C ILE C 43 -20.23 -15.65 -8.13
N ALA C 44 -19.34 -16.12 -7.25
CA ALA C 44 -19.07 -17.55 -7.16
C ALA C 44 -20.31 -18.32 -6.70
N ARG C 45 -21.04 -17.77 -5.75
CA ARG C 45 -22.24 -18.42 -5.21
C ARG C 45 -23.38 -18.45 -6.24
N GLN C 46 -23.58 -17.32 -6.91
CA GLN C 46 -24.59 -17.20 -7.96
C GLN C 46 -24.11 -16.35 -9.13
N PRO C 47 -23.52 -16.99 -10.15
CA PRO C 47 -23.02 -16.43 -11.41
C PRO C 47 -23.92 -15.41 -12.12
N GLU C 48 -25.25 -15.53 -12.03
CA GLU C 48 -26.13 -14.59 -12.73
C GLU C 48 -26.45 -13.36 -11.87
N ALA C 49 -25.87 -13.29 -10.68
CA ALA C 49 -25.99 -12.11 -9.83
C ALA C 49 -24.89 -11.11 -10.16
N GLN C 50 -24.05 -11.45 -11.14
CA GLN C 50 -22.89 -10.64 -11.52
C GLN C 50 -23.23 -9.15 -11.69
N GLY C 51 -24.16 -8.83 -12.58
CA GLY C 51 -24.54 -7.44 -12.79
C GLY C 51 -25.14 -6.79 -11.55
N ARG C 52 -26.02 -7.53 -10.86
CA ARG C 52 -26.67 -7.04 -9.66
C ARG C 52 -25.63 -6.63 -8.61
N LEU C 53 -24.53 -7.36 -8.54
CA LEU C 53 -23.60 -7.16 -7.43
C LEU C 53 -22.62 -6.03 -7.70
N PHE C 54 -22.44 -5.65 -8.95
CA PHE C 54 -21.50 -4.55 -9.21
C PHE C 54 -21.99 -3.21 -8.70
N THR C 55 -23.30 -3.01 -8.65
CA THR C 55 -23.85 -1.74 -8.14
C THR C 55 -23.46 -1.48 -6.65
N PRO C 56 -23.88 -2.37 -5.72
CA PRO C 56 -23.39 -2.09 -4.35
C PRO C 56 -21.87 -2.15 -4.25
N PHE C 57 -21.19 -2.93 -5.10
CA PHE C 57 -19.72 -2.92 -5.02
C PHE C 57 -19.15 -1.50 -5.37
N PHE C 58 -19.61 -0.90 -6.47
CA PHE C 58 -19.04 0.40 -6.86
C PHE C 58 -19.46 1.52 -5.93
N ILE C 59 -20.61 1.39 -5.27
CA ILE C 59 -21.00 2.35 -4.24
C ILE C 59 -20.00 2.23 -3.09
N THR C 60 -19.65 0.99 -2.80
CA THR C 60 -18.75 0.79 -1.67
C THR C 60 -17.38 1.29 -2.00
N VAL C 61 -16.90 0.94 -3.17
CA VAL C 61 -15.57 1.35 -3.62
C VAL C 61 -15.57 2.88 -3.76
N GLY C 62 -16.71 3.47 -4.16
CA GLY C 62 -16.83 4.94 -4.25
C GLY C 62 -16.50 5.60 -2.91
N LEU C 63 -17.07 5.04 -1.85
CA LEU C 63 -16.85 5.59 -0.51
C LEU C 63 -15.42 5.40 -0.04
N VAL C 64 -14.85 4.22 -0.25
CA VAL C 64 -13.47 3.96 0.18
C VAL C 64 -12.54 4.88 -0.57
N GLU C 65 -12.80 5.04 -1.86
CA GLU C 65 -11.88 5.82 -2.69
C GLU C 65 -12.01 7.32 -2.38
N ALA C 66 -13.18 7.75 -1.93
CA ALA C 66 -13.30 9.16 -1.59
C ALA C 66 -12.38 9.46 -0.39
N ALA C 67 -12.27 8.55 0.58
CA ALA C 67 -11.35 8.76 1.69
C ALA C 67 -9.92 8.89 1.13
N TYR C 68 -9.53 7.99 0.21
CA TYR C 68 -8.16 8.02 -0.32
C TYR C 68 -7.86 9.36 -1.03
N PHE C 69 -8.76 9.81 -1.91
CA PHE C 69 -8.45 11.03 -2.67
C PHE C 69 -8.68 12.33 -1.88
N ILE C 70 -9.52 12.31 -0.87
CA ILE C 70 -9.61 13.51 -0.03
C ILE C 70 -8.34 13.64 0.80
N ASN C 71 -7.85 12.50 1.29
CA ASN C 71 -6.51 12.48 1.95
C ASN C 71 -5.41 12.96 0.99
N LEU C 72 -5.43 12.46 -0.24
CA LEU C 72 -4.47 12.88 -1.24
C LEU C 72 -4.48 14.44 -1.42
N ALA C 73 -5.66 15.06 -1.53
CA ALA C 73 -5.75 16.52 -1.63
C ALA C 73 -5.12 17.23 -0.44
N PHE C 74 -5.34 16.73 0.78
CA PHE C 74 -4.78 17.38 1.96
C PHE C 74 -3.28 17.13 2.06
N MET C 75 -2.81 15.95 1.62
CA MET C 75 -1.37 15.76 1.55
C MET C 75 -0.76 16.79 0.60
N ALA C 76 -1.39 17.02 -0.54
CA ALA C 76 -0.89 18.04 -1.49
C ALA C 76 -0.92 19.46 -0.89
N LEU C 77 -1.97 19.81 -0.15
CA LEU C 77 -1.99 21.08 0.59
C LEU C 77 -0.79 21.22 1.60
N PHE C 78 -0.58 20.17 2.38
CA PHE C 78 0.51 20.09 3.33
C PHE C 78 1.86 20.30 2.65
N VAL C 79 2.10 19.63 1.53
CA VAL C 79 3.46 19.68 0.99
C VAL C 79 3.67 20.74 -0.10
N PHE C 80 2.61 21.20 -0.78
CA PHE C 80 2.77 22.18 -1.84
C PHE C 80 2.34 23.58 -1.46
N ALA C 81 1.43 23.69 -0.48
CA ALA C 81 0.93 24.99 0.00
C ALA C 81 0.90 24.98 1.51
N THR C 82 2.03 24.68 2.13
CA THR C 82 2.04 24.33 3.54
C THR C 82 1.38 25.40 4.45
N PRO C 83 0.33 25.02 5.22
CA PRO C 83 -0.20 26.03 6.14
C PRO C 83 0.75 26.28 7.30
N GLY C 84 0.96 27.56 7.58
CA GLY C 84 1.86 27.95 8.66
C GLY C 84 3.27 28.28 8.13
N LEU C 85 3.52 28.08 6.84
CA LEU C 85 4.87 28.39 6.33
C LEU C 85 5.16 29.90 6.57
N GLN C 86 6.41 30.19 6.90
CA GLN C 86 6.73 31.51 7.39
C GLN C 86 7.44 32.33 6.32
I01 IBQ D . 8.57 -8.51 -7.72
O03 IBQ D . 9.64 -15.30 -2.96
N05 IBQ D . 8.59 -13.72 -4.32
C10 IBQ D . 10.89 -13.43 -3.80
C15 IBQ D . 10.92 -12.26 -4.56
C17 IBQ D . 9.71 -14.14 -3.69
C22 IBQ D . 9.76 -11.83 -5.19
C24 IBQ D . 8.60 -12.59 -5.06
C33 IBQ D . 9.75 -10.68 -5.95
C34 IBQ D . 7.43 -12.19 -5.69
C35 IBQ D . 8.59 -10.27 -6.57
C36 IBQ D . 7.43 -11.03 -6.45
C37 IBQ D . 8.38 -15.91 -2.74
I01 IBQ E . -2.80 3.11 -11.32
O02 IBQ E . 3.05 -1.28 -8.88
O03 IBQ E . 0.94 -4.39 -11.03
N04 IBQ E . 2.50 -4.41 -6.45
N05 IBQ E . -0.80 -2.83 -11.10
C06 IBQ E . 3.45 -2.45 -9.60
C07 IBQ E . 2.91 -2.48 -11.07
C08 IBQ E . 2.82 -3.54 -8.72
C09 IBQ E . 4.97 -2.50 -9.52
C10 IBQ E . 1.47 -2.09 -11.13
C11 IBQ E . 3.35 -3.54 -7.30
C12 IBQ E . 3.72 -1.74 -12.08
C13 IBQ E . 5.79 -3.60 -9.92
C14 IBQ E . 5.60 -1.35 -9.01
C15 IBQ E . 1.03 -0.76 -11.19
C16 IBQ E . 7.17 -3.51 -9.79
C17 IBQ E . 0.52 -3.09 -11.08
C19 IBQ E . 3.99 -2.38 -13.28
C18 IBQ E . 4.21 -0.44 -11.87
C20 IBQ E . 6.99 -1.28 -8.89
C21 IBQ E . 5.25 -4.78 -10.43
C22 IBQ E . -0.34 -0.49 -11.21
C23 IBQ E . 7.78 -2.36 -9.27
C24 IBQ E . -1.25 -1.55 -11.16
C26 IBQ E . 2.73 -4.19 -5.01
C25 IBQ E . 2.66 -5.84 -6.77
C27 IBQ E . 7.98 -4.58 -10.18
C29 IBQ E . 4.74 -1.76 -14.28
C28 IBQ E . 4.96 0.17 -12.86
C30 IBQ E . 6.06 -5.85 -10.81
C31 IBQ E . 5.23 -0.48 -14.06
C32 IBQ E . 7.44 -5.75 -10.68
C33 IBQ E . -0.80 0.82 -11.26
C34 IBQ E . -2.61 -1.27 -11.17
C35 IBQ E . -2.16 1.10 -11.27
C36 IBQ E . -3.07 0.06 -11.21
C37 IBQ E . 0.01 -5.47 -10.91
C TAM F . 23.99 25.99 2.89
C1 TAM F . 23.21 25.13 1.91
C2 TAM F . 25.22 25.27 3.45
C3 TAM F . 23.02 26.40 4.00
C4 TAM F . 23.86 23.78 1.63
C5 TAM F . 26.45 26.17 3.52
C6 TAM F . 22.69 27.89 4.00
N TAM F . 24.47 27.19 2.19
O4 TAM F . 22.99 22.75 2.10
O5 TAM F . 27.64 25.37 3.58
O6 TAM F . 21.37 28.08 4.53
I01 IBQ G . -14.36 12.23 -4.00
O03 IBQ G . -11.26 6.04 -8.75
N05 IBQ G . -12.70 7.16 -7.25
C10 IBQ G . -10.87 8.33 -8.19
C15 IBQ G . -11.23 9.47 -7.49
C17 IBQ G . -11.61 7.18 -8.05
C22 IBQ G . -12.33 9.43 -6.64
C24 IBQ G . -13.06 8.26 -6.54
C33 IBQ G . -12.72 10.56 -5.92
C34 IBQ G . -14.18 8.22 -5.71
C35 IBQ G . -13.82 10.52 -5.09
C36 IBQ G . -14.56 9.34 -4.98
C37 IBQ G . -12.12 4.89 -8.73
#